data_1Y6I
#
_entry.id   1Y6I
#
_cell.length_a   63.907
_cell.length_b   70.710
_cell.length_c   72.645
_cell.angle_alpha   90.00
_cell.angle_beta   90.00
_cell.angle_gamma   90.00
#
_symmetry.space_group_name_H-M   'P 21 21 21'
#
loop_
_entity.id
_entity.type
_entity.pdbx_description
1 polymer 'Mg-chelatase cofactor GUN4'
2 water water
#
_entity_poly.entity_id   1
_entity_poly.type   'polypeptide(L)'
_entity_poly.pdbx_seq_one_letter_code
;MSDNLTELSQQLHDASEKKQLTAIAALAEMGEGGQGILLDYLAKNVPLEKPVLAVGNVYQTLRNLEQETITTQLQRNYPT
GIFPLQSAQGIDYLPLQEALGSQDFETADEITRDKLCELAGPGASQRQWLYFTEVEKFPALDLHTINALWWLHSNGNFGF
SVQRRLWLASGKEFTKLWPKIGWKSGNVWTRWPKGFTWDLSAPQGHLPLLNQLRGVRVAESLYRHPVWSQYGW
;
_entity_poly.pdbx_strand_id   A
#
# COMPACT_ATOMS: atom_id res chain seq x y z
N MET A 1 16.07 -20.51 23.85
CA MET A 1 15.52 -20.02 22.56
C MET A 1 14.02 -20.24 22.53
N SER A 2 13.60 -21.45 22.88
CA SER A 2 12.18 -21.81 22.88
C SER A 2 11.34 -20.85 23.75
N ASP A 3 11.89 -20.39 24.86
CA ASP A 3 11.17 -19.47 25.74
C ASP A 3 10.83 -18.18 25.02
N ASN A 4 11.82 -17.56 24.40
CA ASN A 4 11.59 -16.31 23.69
C ASN A 4 10.64 -16.50 22.54
N LEU A 5 10.82 -17.57 21.78
CA LEU A 5 9.95 -17.83 20.66
C LEU A 5 8.52 -17.90 21.13
N THR A 6 8.29 -18.68 22.19
CA THR A 6 6.95 -18.80 22.71
C THR A 6 6.41 -17.43 23.11
N GLU A 7 7.20 -16.66 23.82
CA GLU A 7 6.78 -15.33 24.27
C GLU A 7 6.46 -14.46 23.02
N LEU A 8 7.43 -14.35 22.12
CA LEU A 8 7.29 -13.59 20.87
C LEU A 8 6.06 -14.03 20.07
N SER A 9 5.85 -15.35 20.02
CA SER A 9 4.71 -15.91 19.33
C SER A 9 3.42 -15.46 20.00
N GLN A 10 3.40 -15.46 21.32
CA GLN A 10 2.18 -15.04 22.04
C GLN A 10 1.90 -13.55 21.78
N GLN A 11 2.94 -12.76 21.66
CA GLN A 11 2.75 -11.33 21.41
C GLN A 11 2.19 -11.14 20.01
N LEU A 12 2.78 -11.88 19.06
CA LEU A 12 2.31 -11.75 17.71
C LEU A 12 0.83 -12.09 17.63
N HIS A 13 0.40 -13.13 18.32
CA HIS A 13 -1.00 -13.51 18.23
C HIS A 13 -2.00 -12.72 19.05
N ASP A 14 -1.60 -12.39 20.26
CA ASP A 14 -2.50 -11.73 21.20
C ASP A 14 -2.31 -10.29 21.63
N ALA A 15 -1.15 -9.67 21.39
CA ALA A 15 -0.99 -8.26 21.80
C ALA A 15 -1.79 -7.32 20.92
N SER A 16 -1.83 -6.04 21.32
CA SER A 16 -2.55 -5.03 20.57
C SER A 16 -1.83 -4.80 19.23
N GLU A 17 -2.61 -4.43 18.23
CA GLU A 17 -2.09 -4.20 16.86
C GLU A 17 -1.03 -3.10 16.79
N LYS A 18 -0.45 -2.80 17.93
CA LYS A 18 0.58 -1.79 18.08
C LYS A 18 1.88 -2.50 18.44
N LYS A 19 1.75 -3.55 19.24
CA LYS A 19 2.91 -4.31 19.68
C LYS A 19 3.22 -5.53 18.81
N GLN A 20 2.32 -5.84 17.89
CA GLN A 20 2.52 -6.95 16.97
C GLN A 20 3.77 -6.70 16.11
N LEU A 21 3.93 -5.47 15.60
CA LEU A 21 5.06 -5.15 14.71
C LEU A 21 6.40 -5.40 15.37
N THR A 22 6.47 -5.04 16.64
CA THR A 22 7.68 -5.24 17.42
C THR A 22 8.05 -6.73 17.49
N ALA A 23 7.05 -7.54 17.75
CA ALA A 23 7.29 -8.97 17.84
C ALA A 23 7.67 -9.52 16.47
N ILE A 24 7.03 -9.02 15.42
CA ILE A 24 7.34 -9.49 14.05
C ILE A 24 8.82 -9.21 13.73
N ALA A 25 9.27 -7.99 13.98
CA ALA A 25 10.66 -7.67 13.71
C ALA A 25 11.60 -8.62 14.47
N ALA A 26 11.32 -8.90 15.74
CA ALA A 26 12.21 -9.76 16.53
C ALA A 26 12.19 -11.16 16.00
N LEU A 27 10.98 -11.67 15.71
CA LEU A 27 10.86 -13.02 15.17
C LEU A 27 11.69 -13.20 13.90
N ALA A 28 11.67 -12.19 13.03
CA ALA A 28 12.37 -12.28 11.78
C ALA A 28 13.83 -12.51 12.00
N GLU A 29 14.36 -11.93 13.07
CA GLU A 29 15.78 -12.10 13.36
C GLU A 29 16.10 -13.27 14.27
N MET A 30 15.10 -14.09 14.61
CA MET A 30 15.29 -15.27 15.47
C MET A 30 15.53 -16.51 14.60
N GLY A 31 16.13 -16.33 13.42
CA GLY A 31 16.41 -17.47 12.54
C GLY A 31 15.23 -18.32 12.07
N GLU A 32 15.51 -19.58 11.74
CA GLU A 32 14.47 -20.49 11.28
C GLU A 32 13.29 -20.66 12.23
N GLY A 33 13.54 -20.71 13.54
CA GLY A 33 12.43 -20.87 14.46
C GLY A 33 11.49 -19.66 14.44
N GLY A 34 12.04 -18.46 14.40
CA GLY A 34 11.20 -17.27 14.40
C GLY A 34 10.48 -17.11 13.07
N GLN A 35 11.22 -17.33 12.00
CA GLN A 35 10.63 -17.26 10.66
C GLN A 35 9.56 -18.31 10.50
N GLY A 36 9.72 -19.44 11.18
CA GLY A 36 8.71 -20.48 11.04
C GLY A 36 7.40 -20.08 11.68
N ILE A 37 7.52 -19.33 12.78
CA ILE A 37 6.35 -18.89 13.48
C ILE A 37 5.65 -17.87 12.62
N LEU A 38 6.44 -17.01 11.95
CA LEU A 38 5.89 -15.98 11.06
C LEU A 38 5.14 -16.68 9.92
N LEU A 39 5.76 -17.71 9.35
CA LEU A 39 5.10 -18.42 8.24
C LEU A 39 3.80 -19.10 8.62
N ASP A 40 3.70 -19.67 9.82
CA ASP A 40 2.48 -20.31 10.30
C ASP A 40 1.38 -19.28 10.50
N TYR A 41 1.75 -18.10 11.00
CA TYR A 41 0.78 -17.01 11.21
C TYR A 41 0.16 -16.61 9.86
N LEU A 42 1.00 -16.44 8.83
CA LEU A 42 0.44 -16.15 7.52
C LEU A 42 -0.54 -17.20 7.07
N ALA A 43 -0.15 -18.47 7.16
CA ALA A 43 -1.01 -19.57 6.68
C ALA A 43 -2.37 -19.58 7.34
N LYS A 44 -2.44 -19.09 8.56
CA LYS A 44 -3.68 -19.09 9.30
C LYS A 44 -4.52 -17.85 9.09
N ASN A 45 -3.96 -16.86 8.40
CA ASN A 45 -4.67 -15.59 8.25
C ASN A 45 -4.85 -15.11 6.81
N VAL A 46 -4.49 -15.98 5.86
CA VAL A 46 -4.58 -15.68 4.43
C VAL A 46 -5.47 -16.73 3.72
N PRO A 47 -6.29 -16.31 2.74
CA PRO A 47 -6.46 -14.94 2.22
C PRO A 47 -7.19 -13.96 3.13
N LEU A 48 -6.93 -12.68 2.96
CA LEU A 48 -7.57 -11.67 3.80
C LEU A 48 -8.97 -11.26 3.30
N GLU A 49 -9.97 -11.25 4.17
CA GLU A 49 -11.32 -10.78 3.81
C GLU A 49 -11.43 -9.27 4.13
N LYS A 50 -10.42 -8.76 4.85
CA LYS A 50 -10.34 -7.34 5.21
C LYS A 50 -8.86 -7.04 5.34
N PRO A 51 -8.46 -5.79 5.09
CA PRO A 51 -7.01 -5.50 5.21
C PRO A 51 -6.63 -5.54 6.69
N VAL A 52 -5.62 -6.34 7.04
CA VAL A 52 -5.13 -6.45 8.42
C VAL A 52 -3.61 -6.15 8.37
N LEU A 53 -3.22 -5.03 8.96
CA LEU A 53 -1.85 -4.59 8.82
C LEU A 53 -0.79 -5.57 9.28
N ALA A 54 -1.06 -6.28 10.38
CA ALA A 54 -0.05 -7.24 10.86
C ALA A 54 0.25 -8.33 9.83
N VAL A 55 -0.75 -8.74 9.04
CA VAL A 55 -0.55 -9.77 8.07
C VAL A 55 0.33 -9.24 6.94
N GLY A 56 0.09 -7.99 6.55
CA GLY A 56 0.95 -7.37 5.54
C GLY A 56 2.36 -7.24 6.08
N ASN A 57 2.52 -6.83 7.35
CA ASN A 57 3.88 -6.72 7.88
C ASN A 57 4.58 -8.05 8.03
N VAL A 58 3.83 -9.11 8.35
CA VAL A 58 4.46 -10.40 8.43
C VAL A 58 4.99 -10.79 7.06
N TYR A 59 4.12 -10.69 6.05
CA TYR A 59 4.58 -11.05 4.72
C TYR A 59 5.77 -10.22 4.25
N GLN A 60 5.65 -8.91 4.42
CA GLN A 60 6.69 -8.01 3.89
C GLN A 60 7.98 -8.13 4.68
N THR A 61 7.91 -8.29 5.99
CA THR A 61 9.13 -8.51 6.77
C THR A 61 9.86 -9.79 6.25
N LEU A 62 9.12 -10.84 5.94
CA LEU A 62 9.73 -12.05 5.42
C LEU A 62 10.30 -11.77 4.03
N ARG A 63 9.63 -10.98 3.23
CA ARG A 63 10.20 -10.72 1.91
C ARG A 63 11.49 -9.90 2.07
N ASN A 64 11.50 -8.98 3.03
CA ASN A 64 12.62 -8.10 3.18
C ASN A 64 13.90 -8.77 3.64
N LEU A 65 13.78 -10.02 4.12
CA LEU A 65 14.96 -10.81 4.51
C LEU A 65 15.81 -11.12 3.26
N GLU A 66 15.17 -11.03 2.08
CA GLU A 66 15.85 -11.33 0.82
C GLU A 66 16.58 -12.66 0.81
N GLN A 67 15.86 -13.70 1.22
CA GLN A 67 16.39 -15.07 1.21
C GLN A 67 15.65 -15.80 0.11
N GLU A 68 16.37 -16.35 -0.86
CA GLU A 68 15.73 -17.10 -1.95
C GLU A 68 14.74 -18.15 -1.44
N THR A 69 15.13 -18.92 -0.44
CA THR A 69 14.28 -19.98 0.05
C THR A 69 12.94 -19.45 0.53
N ILE A 70 12.98 -18.40 1.36
CA ILE A 70 11.79 -17.78 1.89
C ILE A 70 10.93 -17.14 0.79
N THR A 71 11.57 -16.37 -0.11
CA THR A 71 10.81 -15.71 -1.16
C THR A 71 10.11 -16.72 -2.10
N THR A 72 10.85 -17.77 -2.44
CA THR A 72 10.32 -18.82 -3.32
C THR A 72 9.17 -19.53 -2.67
N GLN A 73 9.27 -19.79 -1.36
CA GLN A 73 8.22 -20.47 -0.62
C GLN A 73 7.03 -19.55 -0.59
N LEU A 74 7.28 -18.24 -0.45
CA LEU A 74 6.16 -17.32 -0.35
C LEU A 74 5.44 -17.22 -1.72
N GLN A 75 6.21 -17.29 -2.81
CA GLN A 75 5.64 -17.23 -4.14
C GLN A 75 4.74 -18.49 -4.38
N ARG A 76 5.23 -19.61 -3.92
CA ARG A 76 4.52 -20.87 -4.08
C ARG A 76 3.26 -20.88 -3.26
N ASN A 77 3.34 -20.45 -2.01
CA ASN A 77 2.17 -20.45 -1.16
C ASN A 77 1.20 -19.29 -1.34
N TYR A 78 1.73 -18.13 -1.75
CA TYR A 78 0.88 -16.95 -1.92
C TYR A 78 1.25 -16.33 -3.30
N PRO A 79 0.96 -17.07 -4.36
CA PRO A 79 1.25 -16.64 -5.75
C PRO A 79 0.69 -15.31 -6.14
N THR A 80 -0.37 -14.84 -5.47
CA THR A 80 -0.87 -13.50 -5.83
C THR A 80 -0.82 -12.60 -4.59
N GLY A 81 0.05 -12.95 -3.63
CA GLY A 81 0.13 -12.14 -2.43
C GLY A 81 -0.85 -12.54 -1.34
N ILE A 82 -1.01 -11.64 -0.38
CA ILE A 82 -1.88 -11.88 0.77
C ILE A 82 -3.26 -11.22 0.75
N PHE A 83 -3.58 -10.51 -0.33
CA PHE A 83 -4.86 -9.80 -0.40
C PHE A 83 -5.50 -10.06 -1.75
N PRO A 84 -6.77 -10.50 -1.77
CA PRO A 84 -7.52 -10.80 -2.99
C PRO A 84 -7.40 -9.59 -3.94
N LEU A 85 -6.99 -9.82 -5.16
CA LEU A 85 -6.78 -8.71 -6.09
C LEU A 85 -8.05 -8.36 -6.84
N GLN A 86 -9.10 -8.05 -6.09
CA GLN A 86 -10.40 -7.76 -6.73
C GLN A 86 -10.57 -6.51 -7.53
N SER A 87 -11.28 -6.62 -8.65
CA SER A 87 -11.56 -5.46 -9.49
C SER A 87 -13.04 -5.57 -9.89
N ALA A 88 -13.70 -4.45 -10.06
CA ALA A 88 -15.09 -4.46 -10.51
C ALA A 88 -15.09 -4.18 -12.06
N GLN A 89 -13.91 -4.01 -12.66
CA GLN A 89 -13.83 -3.61 -14.07
C GLN A 89 -12.74 -4.34 -14.90
N GLY A 90 -12.44 -5.60 -14.55
CA GLY A 90 -11.45 -6.34 -15.30
C GLY A 90 -10.02 -5.86 -15.22
N ILE A 91 -9.66 -5.23 -14.11
CA ILE A 91 -8.28 -4.71 -13.96
C ILE A 91 -7.41 -5.75 -13.30
N ASP A 92 -6.22 -5.91 -13.85
CA ASP A 92 -5.22 -6.88 -13.34
C ASP A 92 -4.25 -6.17 -12.38
N TYR A 93 -4.33 -6.50 -11.10
CA TYR A 93 -3.42 -5.86 -10.13
C TYR A 93 -2.26 -6.72 -9.73
N LEU A 94 -2.03 -7.84 -10.44
CA LEU A 94 -0.90 -8.69 -10.01
C LEU A 94 0.46 -7.99 -10.18
N PRO A 95 0.68 -7.29 -11.31
CA PRO A 95 1.98 -6.63 -11.44
C PRO A 95 2.15 -5.54 -10.33
N LEU A 96 1.07 -4.90 -9.93
CA LEU A 96 1.17 -3.89 -8.84
C LEU A 96 1.55 -4.57 -7.57
N GLN A 97 0.92 -5.71 -7.29
CA GLN A 97 1.27 -6.40 -6.05
C GLN A 97 2.71 -6.85 -6.12
N GLU A 98 3.15 -7.30 -7.28
CA GLU A 98 4.52 -7.82 -7.37
C GLU A 98 5.55 -6.76 -7.15
N ALA A 99 5.29 -5.57 -7.66
CA ALA A 99 6.21 -4.46 -7.47
C ALA A 99 6.23 -4.07 -6.00
N LEU A 100 5.06 -4.05 -5.36
CA LEU A 100 5.02 -3.69 -3.92
C LEU A 100 5.69 -4.71 -3.04
N GLY A 101 5.50 -5.99 -3.37
CA GLY A 101 6.14 -7.06 -2.60
C GLY A 101 7.66 -6.96 -2.73
N SER A 102 8.13 -6.53 -3.91
CA SER A 102 9.59 -6.36 -4.11
C SER A 102 10.05 -5.02 -3.57
N GLN A 103 9.14 -4.25 -2.98
CA GLN A 103 9.48 -2.89 -2.48
C GLN A 103 10.00 -1.95 -3.57
N ASP A 104 9.59 -2.18 -4.82
CA ASP A 104 10.01 -1.27 -5.90
C ASP A 104 8.83 -0.25 -5.99
N PHE A 105 8.85 0.78 -5.14
CA PHE A 105 7.77 1.72 -5.09
C PHE A 105 7.67 2.60 -6.30
N GLU A 106 8.81 2.80 -6.95
CA GLU A 106 8.78 3.64 -8.16
C GLU A 106 7.95 2.96 -9.25
N THR A 107 8.22 1.67 -9.47
CA THR A 107 7.47 0.89 -10.47
C THR A 107 6.03 0.75 -9.98
N ALA A 108 5.82 0.46 -8.67
CA ALA A 108 4.45 0.38 -8.16
C ALA A 108 3.67 1.73 -8.42
N ASP A 109 4.36 2.86 -8.24
CA ASP A 109 3.72 4.16 -8.46
C ASP A 109 3.35 4.27 -9.95
N GLU A 110 4.27 3.92 -10.85
CA GLU A 110 3.93 3.98 -12.30
C GLU A 110 2.76 3.08 -12.63
N ILE A 111 2.82 1.81 -12.16
CA ILE A 111 1.71 0.91 -12.43
C ILE A 111 0.41 1.49 -11.88
N THR A 112 0.45 2.06 -10.69
CA THR A 112 -0.79 2.59 -10.12
C THR A 112 -1.37 3.72 -10.98
N ARG A 113 -0.55 4.66 -11.44
CA ARG A 113 -1.02 5.76 -12.33
C ARG A 113 -1.63 5.10 -13.63
N ASP A 114 -0.94 4.10 -14.17
CA ASP A 114 -1.46 3.42 -15.36
C ASP A 114 -2.83 2.76 -15.09
N LYS A 115 -2.98 2.11 -13.94
CA LYS A 115 -4.27 1.50 -13.58
C LYS A 115 -5.41 2.50 -13.39
N LEU A 116 -5.13 3.63 -12.75
CA LEU A 116 -6.19 4.66 -12.61
C LEU A 116 -6.60 5.13 -14.01
N CYS A 117 -5.63 5.32 -14.91
CA CYS A 117 -5.97 5.68 -16.30
C CYS A 117 -6.79 4.56 -16.98
N GLU A 118 -6.42 3.31 -16.73
CA GLU A 118 -7.14 2.19 -17.33
C GLU A 118 -8.57 2.25 -16.84
N LEU A 119 -8.74 2.50 -15.53
CA LEU A 119 -10.08 2.61 -14.97
C LEU A 119 -10.87 3.75 -15.60
N ALA A 120 -10.22 4.88 -15.82
CA ALA A 120 -10.86 6.05 -16.41
C ALA A 120 -11.37 5.73 -17.82
N GLY A 121 -10.77 4.74 -18.44
CA GLY A 121 -11.22 4.33 -19.75
C GLY A 121 -10.51 4.83 -20.96
N PRO A 122 -11.31 5.17 -22.01
CA PRO A 122 -10.97 5.69 -23.34
C PRO A 122 -10.29 7.03 -23.37
N GLY A 123 -9.14 7.06 -24.02
CA GLY A 123 -8.45 8.30 -24.18
C GLY A 123 -7.81 8.80 -22.94
N ALA A 124 -7.51 7.89 -22.01
CA ALA A 124 -6.79 8.26 -20.81
C ALA A 124 -5.49 7.47 -20.87
N SER A 125 -5.37 6.52 -21.79
CA SER A 125 -4.15 5.73 -21.79
C SER A 125 -2.89 6.54 -22.04
N GLN A 126 -1.90 6.35 -21.17
CA GLN A 126 -0.62 7.04 -21.26
C GLN A 126 -0.70 8.49 -20.84
N ARG A 127 -1.88 8.95 -20.44
CA ARG A 127 -1.99 10.34 -20.04
C ARG A 127 -1.29 10.50 -18.65
N GLN A 128 -0.63 11.63 -18.42
CA GLN A 128 0.11 11.87 -17.17
C GLN A 128 -0.69 12.58 -16.07
N TRP A 129 -2.01 12.61 -16.27
CA TRP A 129 -2.92 13.24 -15.32
C TRP A 129 -4.32 12.66 -15.55
N LEU A 130 -5.17 12.72 -14.52
CA LEU A 130 -6.59 12.31 -14.65
C LEU A 130 -7.42 13.62 -14.64
N TYR A 131 -8.71 13.48 -14.94
CA TYR A 131 -9.68 14.60 -14.84
C TYR A 131 -10.57 14.23 -13.66
N PHE A 132 -10.94 15.22 -12.84
CA PHE A 132 -11.74 14.94 -11.64
C PHE A 132 -13.02 14.15 -11.92
N THR A 133 -13.64 14.39 -13.07
CA THR A 133 -14.86 13.66 -13.46
C THR A 133 -14.64 12.15 -13.69
N GLU A 134 -13.41 11.77 -14.04
CA GLU A 134 -13.10 10.36 -14.22
C GLU A 134 -13.02 9.74 -12.83
N VAL A 135 -12.39 10.44 -11.89
CA VAL A 135 -12.22 9.98 -10.53
C VAL A 135 -13.50 9.76 -9.82
N GLU A 136 -14.44 10.69 -10.00
CA GLU A 136 -15.74 10.55 -9.37
C GLU A 136 -16.49 9.32 -9.81
N LYS A 137 -16.13 8.78 -10.95
CA LYS A 137 -16.83 7.60 -11.44
C LYS A 137 -16.09 6.27 -11.22
N PHE A 138 -14.88 6.29 -10.66
CA PHE A 138 -14.14 5.06 -10.36
C PHE A 138 -14.95 4.10 -9.45
N PRO A 139 -14.81 2.77 -9.64
CA PRO A 139 -15.58 1.93 -8.72
C PRO A 139 -14.87 1.84 -7.38
N ALA A 140 -15.64 1.76 -6.32
CA ALA A 140 -15.02 1.73 -5.00
C ALA A 140 -14.14 0.50 -4.80
N LEU A 141 -14.59 -0.65 -5.32
CA LEU A 141 -13.79 -1.89 -5.10
C LEU A 141 -12.36 -1.80 -5.57
N ASP A 142 -12.16 -1.26 -6.77
CA ASP A 142 -10.80 -1.11 -7.31
C ASP A 142 -9.94 -0.16 -6.49
N LEU A 143 -10.53 0.91 -6.03
CA LEU A 143 -9.73 1.84 -5.24
C LEU A 143 -9.41 1.19 -3.91
N HIS A 144 -10.36 0.42 -3.38
CA HIS A 144 -10.08 -0.29 -2.13
C HIS A 144 -8.89 -1.26 -2.35
N THR A 145 -8.92 -2.01 -3.45
CA THR A 145 -7.82 -2.96 -3.67
C THR A 145 -6.48 -2.28 -3.82
N ILE A 146 -6.43 -1.21 -4.64
CA ILE A 146 -5.21 -0.43 -4.87
C ILE A 146 -4.68 0.12 -3.55
N ASN A 147 -5.54 0.78 -2.78
CA ASN A 147 -5.15 1.34 -1.52
C ASN A 147 -4.70 0.24 -0.54
N ALA A 148 -5.46 -0.85 -0.46
CA ALA A 148 -5.09 -1.91 0.50
C ALA A 148 -3.66 -2.41 0.17
N LEU A 149 -3.33 -2.58 -1.11
CA LEU A 149 -2.02 -3.08 -1.44
C LEU A 149 -0.95 -2.12 -0.97
N TRP A 150 -1.11 -0.84 -1.29
CA TRP A 150 -0.13 0.18 -0.88
C TRP A 150 0.06 0.19 0.62
N TRP A 151 -1.04 0.08 1.33
CA TRP A 151 -1.03 0.16 2.78
C TRP A 151 -0.39 -1.09 3.40
N LEU A 152 -0.82 -2.25 2.93
CA LEU A 152 -0.30 -3.49 3.51
C LEU A 152 1.17 -3.69 3.28
N HIS A 153 1.73 -3.15 2.18
CA HIS A 153 3.15 -3.30 1.84
C HIS A 153 4.05 -2.08 2.20
N SER A 154 3.54 -1.18 3.03
CA SER A 154 4.28 0.02 3.44
C SER A 154 4.12 0.28 4.94
N ASN A 155 3.74 -0.75 5.68
CA ASN A 155 3.47 -0.63 7.13
C ASN A 155 2.48 0.53 7.40
N GLY A 156 1.50 0.64 6.49
CA GLY A 156 0.45 1.64 6.61
C GLY A 156 0.87 3.09 6.39
N ASN A 157 2.05 3.33 5.82
CA ASN A 157 2.52 4.68 5.59
C ASN A 157 2.21 5.26 4.19
N PHE A 158 1.89 4.40 3.23
CA PHE A 158 1.53 4.86 1.89
C PHE A 158 0.08 4.47 1.58
N GLY A 159 -0.53 5.19 0.65
CA GLY A 159 -1.91 4.93 0.28
C GLY A 159 -2.71 6.21 0.24
N PHE A 160 -3.71 6.24 -0.64
CA PHE A 160 -4.62 7.38 -0.69
C PHE A 160 -5.38 7.54 0.63
N SER A 161 -5.65 6.45 1.36
CA SER A 161 -6.36 6.56 2.65
C SER A 161 -5.50 7.37 3.64
N VAL A 162 -4.19 7.21 3.55
CA VAL A 162 -3.25 7.91 4.42
C VAL A 162 -3.25 9.39 4.06
N GLN A 163 -3.14 9.69 2.78
CA GLN A 163 -3.20 11.08 2.33
C GLN A 163 -4.52 11.76 2.80
N ARG A 164 -5.62 11.01 2.67
CA ARG A 164 -6.94 11.54 3.03
C ARG A 164 -7.03 11.85 4.52
N ARG A 165 -6.49 10.98 5.34
CA ARG A 165 -6.48 11.24 6.80
C ARG A 165 -5.68 12.50 7.11
N LEU A 166 -4.55 12.68 6.46
CA LEU A 166 -3.70 13.86 6.69
C LEU A 166 -4.41 15.11 6.17
N TRP A 167 -5.16 14.93 5.11
CA TRP A 167 -5.94 16.01 4.49
C TRP A 167 -7.02 16.40 5.46
N LEU A 168 -7.69 15.42 6.05
CA LEU A 168 -8.72 15.79 7.03
C LEU A 168 -8.08 16.51 8.22
N ALA A 169 -6.94 16.02 8.70
CA ALA A 169 -6.27 16.70 9.84
C ALA A 169 -5.75 18.10 9.50
N SER A 170 -5.56 18.36 8.22
CA SER A 170 -5.10 19.66 7.73
C SER A 170 -6.28 20.63 7.59
N GLY A 171 -7.45 20.23 8.02
CA GLY A 171 -8.61 21.09 7.86
C GLY A 171 -8.98 21.15 6.37
N LYS A 172 -8.61 20.10 5.60
CA LYS A 172 -8.88 20.03 4.17
C LYS A 172 -8.22 21.17 3.39
N GLU A 173 -7.11 21.68 3.92
CA GLU A 173 -6.38 22.73 3.25
C GLU A 173 -5.21 22.13 2.52
N PHE A 174 -5.26 22.13 1.19
CA PHE A 174 -4.14 21.55 0.46
C PHE A 174 -2.82 22.27 0.67
N THR A 175 -2.85 23.57 0.95
CA THR A 175 -1.59 24.31 1.15
C THR A 175 -0.82 23.72 2.37
N LYS A 176 -1.54 23.10 3.33
CA LYS A 176 -0.85 22.51 4.49
C LYS A 176 -0.56 21.03 4.22
N LEU A 177 -1.45 20.37 3.47
CA LEU A 177 -1.24 18.96 3.21
C LEU A 177 0.00 18.68 2.40
N TRP A 178 0.21 19.43 1.31
CA TRP A 178 1.36 19.17 0.47
C TRP A 178 2.74 19.15 1.16
N PRO A 179 3.03 20.13 2.03
CA PRO A 179 4.36 20.06 2.66
C PRO A 179 4.40 18.90 3.62
N LYS A 180 3.26 18.60 4.21
CA LYS A 180 3.19 17.48 5.12
C LYS A 180 3.57 16.15 4.43
N ILE A 181 3.14 15.93 3.19
CA ILE A 181 3.46 14.67 2.50
C ILE A 181 4.61 14.79 1.51
N GLY A 182 5.28 15.94 1.52
CA GLY A 182 6.44 16.12 0.67
C GLY A 182 6.28 16.38 -0.81
N TRP A 183 5.18 17.04 -1.23
CA TRP A 183 4.94 17.33 -2.63
C TRP A 183 5.10 18.84 -2.70
N LYS A 184 6.26 19.26 -3.20
CA LYS A 184 6.57 20.69 -3.29
C LYS A 184 5.80 21.35 -4.40
N SER A 185 5.38 22.57 -4.12
CA SER A 185 4.61 23.34 -5.07
C SER A 185 5.47 23.48 -6.29
N GLY A 186 4.85 23.36 -7.46
CA GLY A 186 5.67 23.54 -8.68
C GLY A 186 6.43 22.30 -9.10
N ASN A 187 6.42 21.26 -8.26
CA ASN A 187 7.10 20.06 -8.72
C ASN A 187 5.99 19.23 -9.42
N VAL A 188 5.77 19.59 -10.68
CA VAL A 188 4.70 19.01 -11.47
C VAL A 188 5.26 18.55 -12.80
N TRP A 189 4.60 17.61 -13.48
CA TRP A 189 5.15 17.12 -14.74
C TRP A 189 4.18 16.94 -15.87
N THR A 190 4.73 16.87 -17.08
CA THR A 190 3.90 16.61 -18.25
C THR A 190 4.30 15.29 -18.89
N ARG A 191 5.53 14.84 -18.67
CA ARG A 191 5.99 13.57 -19.25
C ARG A 191 6.39 12.50 -18.22
N TRP A 192 7.11 12.88 -17.18
CA TRP A 192 7.49 11.90 -16.17
C TRP A 192 7.80 12.61 -14.87
N PRO A 193 7.44 12.01 -13.74
CA PRO A 193 7.73 12.66 -12.46
C PRO A 193 9.19 12.65 -12.01
N LYS A 194 9.59 13.70 -11.31
CA LYS A 194 10.96 13.74 -10.81
C LYS A 194 11.08 14.43 -9.48
N GLY A 195 12.16 14.15 -8.76
CA GLY A 195 12.36 14.77 -7.44
C GLY A 195 11.60 14.16 -6.25
N PHE A 196 10.89 13.04 -6.48
CA PHE A 196 10.17 12.39 -5.39
C PHE A 196 11.01 11.30 -4.73
N THR A 197 10.52 10.81 -3.60
CA THR A 197 11.20 9.82 -2.80
C THR A 197 10.47 8.48 -2.88
N TRP A 198 10.90 7.64 -3.79
CA TRP A 198 10.24 6.38 -3.99
C TRP A 198 10.74 5.26 -3.10
N ASP A 199 10.77 5.51 -1.79
CA ASP A 199 11.14 4.48 -0.80
C ASP A 199 10.55 4.82 0.53
N LEU A 200 10.63 3.90 1.48
CA LEU A 200 10.04 4.17 2.80
C LEU A 200 10.72 5.26 3.66
N SER A 201 11.72 5.95 3.14
CA SER A 201 12.27 7.02 4.01
C SER A 201 11.37 8.23 3.75
N ALA A 202 10.52 8.12 2.73
CA ALA A 202 9.61 9.22 2.45
C ALA A 202 8.60 9.53 3.55
N PRO A 203 8.03 10.74 3.52
CA PRO A 203 7.02 11.12 4.54
C PRO A 203 5.79 10.22 4.45
N GLN A 204 5.06 10.08 5.54
CA GLN A 204 3.81 9.34 5.53
C GLN A 204 2.91 10.03 4.48
N GLY A 205 2.31 9.22 3.61
CA GLY A 205 1.41 9.74 2.60
C GLY A 205 2.07 10.16 1.27
N HIS A 206 3.39 10.06 1.19
CA HIS A 206 4.10 10.50 -0.01
C HIS A 206 3.67 9.83 -1.30
N LEU A 207 3.34 8.54 -1.25
CA LEU A 207 2.92 7.80 -2.45
C LEU A 207 1.54 7.14 -2.21
N PRO A 208 0.76 6.84 -3.27
CA PRO A 208 1.04 7.07 -4.68
C PRO A 208 0.96 8.55 -5.01
N LEU A 209 1.67 8.97 -6.05
CA LEU A 209 1.66 10.40 -6.43
C LEU A 209 0.44 10.79 -7.21
N LEU A 210 -0.02 12.02 -6.97
CA LEU A 210 -1.15 12.57 -7.72
C LEU A 210 -0.50 13.85 -8.34
N ASN A 211 -0.23 13.85 -9.64
CA ASN A 211 0.38 15.02 -10.31
C ASN A 211 -0.38 16.30 -9.99
N GLN A 212 0.31 17.37 -9.54
CA GLN A 212 -0.45 18.60 -9.26
C GLN A 212 -0.42 19.58 -10.44
N LEU A 213 0.12 19.13 -11.60
CA LEU A 213 0.07 19.96 -12.82
C LEU A 213 -1.30 20.66 -12.97
N ARG A 214 -2.41 19.94 -12.76
CA ARG A 214 -3.72 20.53 -12.93
C ARG A 214 -4.41 21.03 -11.64
N GLY A 215 -3.65 21.11 -10.57
CA GLY A 215 -4.30 21.59 -9.35
C GLY A 215 -4.89 20.47 -8.54
N VAL A 216 -5.53 20.84 -7.44
CA VAL A 216 -6.03 19.92 -6.44
C VAL A 216 -7.34 19.17 -6.65
N ARG A 217 -8.05 19.46 -7.74
CA ARG A 217 -9.39 18.88 -7.98
C ARG A 217 -9.47 17.38 -8.02
N VAL A 218 -8.54 16.74 -8.72
CA VAL A 218 -8.54 15.29 -8.74
C VAL A 218 -8.27 14.72 -7.33
N ALA A 219 -7.37 15.32 -6.57
CA ALA A 219 -7.09 14.77 -5.22
C ALA A 219 -8.32 14.94 -4.32
N GLU A 220 -8.90 16.13 -4.37
CA GLU A 220 -10.11 16.37 -3.57
C GLU A 220 -11.21 15.33 -3.94
N SER A 221 -11.44 15.11 -5.24
CA SER A 221 -12.49 14.15 -5.66
C SER A 221 -12.14 12.74 -5.18
N LEU A 222 -10.84 12.46 -5.18
CA LEU A 222 -10.45 11.14 -4.73
C LEU A 222 -10.65 10.96 -3.22
N TYR A 223 -10.27 11.97 -2.44
CA TYR A 223 -10.39 11.85 -1.00
C TYR A 223 -11.84 11.91 -0.58
N ARG A 224 -12.69 12.49 -1.42
CA ARG A 224 -14.09 12.58 -1.05
C ARG A 224 -14.88 11.41 -1.58
N HIS A 225 -14.20 10.51 -2.28
CA HIS A 225 -14.87 9.33 -2.90
C HIS A 225 -15.48 8.48 -1.82
N PRO A 226 -16.66 7.91 -2.05
CA PRO A 226 -17.31 7.09 -1.02
C PRO A 226 -16.60 5.83 -0.56
N VAL A 227 -15.62 5.35 -1.30
CA VAL A 227 -14.93 4.11 -0.88
C VAL A 227 -14.32 4.16 0.53
N TRP A 228 -13.78 5.30 0.93
CA TRP A 228 -13.05 5.35 2.19
C TRP A 228 -13.98 5.04 3.33
N SER A 229 -15.10 5.77 3.41
CA SER A 229 -16.07 5.46 4.46
C SER A 229 -16.70 4.08 4.29
N GLN A 230 -16.94 3.77 3.05
CA GLN A 230 -17.57 2.53 2.70
C GLN A 230 -16.77 1.32 3.20
N TYR A 231 -15.45 1.36 3.09
CA TYR A 231 -14.60 0.26 3.53
C TYR A 231 -13.85 0.47 4.85
N GLY A 232 -14.26 1.49 5.59
CA GLY A 232 -13.65 1.76 6.91
C GLY A 232 -12.24 2.34 6.98
N TRP A 233 -11.83 3.09 5.96
CA TRP A 233 -10.51 3.72 5.95
C TRP A 233 -10.50 5.06 6.73
#